data_8ZI7
#
_entry.id   8ZI7
#
_cell.length_a   74.026
_cell.length_b   77.228
_cell.length_c   86.134
_cell.angle_alpha   90.00
_cell.angle_beta   90.00
_cell.angle_gamma   90.00
#
_symmetry.space_group_name_H-M   'P 21 21 21'
#
loop_
_entity.id
_entity.type
_entity.pdbx_description
1 polymer 'UGT-glycosyltransferase 76G4'
2 non-polymer 'SODIUM ION'
3 non-polymer 1-O-[(8alpha,9beta,10alpha,13alpha)-13-(beta-D-glucopyranosyloxy)-18-oxokaur-16-en-18-yl]-beta-D-glucopyranose
4 non-polymer 'THIOCYANATE ION'
5 non-polymer ETHANOL
6 non-polymer 'ISOPROPYL ALCOHOL'
7 non-polymer 1,2-ETHANEDIOL
8 water water
#
_entity_poly.entity_id   1
_entity_poly.type   'polypeptide(L)'
_entity_poly.pdbx_seq_one_letter_code
;MENKTETTVRRRRRIILFPVPFQGHINPMLQLANVLYSKGFSITIFHTNFNKPKTSNYPHFTFRFILDNDPQDERISNLP
THGPLAGMRIPIINEHGADELRRELELLMLASEEDEEVSCLITDALWYFAQSVADSLNLRRLVLMTSSLFNFHAHVSLPQ
FDELGYLDPDDKTRLEEQASGFPMLKVKDIQFGFSNWKQGKEIFENITKQTKASSGVIWNSFKELEESELETVIREIPAP
SFLIPLPKHLTASSSSLLDHDRTVFPWLDQQPSRSVLYVSFGSATEVDEKDFLEIARGLVDSKQSFLWVVRPGFVKGSTW
VEPLPDGFLGERGRIVKWVPQQEVLAHGAIGAFWTHSGWNSTLESVCEGVPMIFSDFGLDQPLNARYMSDVLKVGVYLEN
GWERGEIANAIRRVMVDEEGEYIRQNARVLKQKADVSLMKGGSSYESLESLVSYISSL
;
_entity_poly.pdbx_strand_id   A
#
loop_
_chem_comp.id
_chem_comp.type
_chem_comp.name
_chem_comp.formula
AQ9 non-polymer 1-O-[(8alpha,9beta,10alpha,13alpha)-13-(beta-D-glucopyranosyloxy)-18-oxokaur-16-en-18-yl]-beta-D-glucopyranose 'C32 H50 O13'
EDO non-polymer 1,2-ETHANEDIOL 'C2 H6 O2'
EOH non-polymer ETHANOL 'C2 H6 O'
IPA non-polymer 'ISOPROPYL ALCOHOL' 'C3 H8 O'
NA non-polymer 'SODIUM ION' 'Na 1'
SCN non-polymer 'THIOCYANATE ION' 'C N S -1'
#
# COMPACT_ATOMS: atom_id res chain seq x y z
N ARG A 12 -14.66 -24.89 -6.90
CA ARG A 12 -14.73 -25.71 -5.66
C ARG A 12 -14.74 -24.79 -4.42
N ARG A 13 -13.67 -24.02 -4.17
CA ARG A 13 -13.65 -23.14 -3.02
C ARG A 13 -13.49 -21.69 -3.47
N ARG A 14 -14.37 -20.80 -3.00
CA ARG A 14 -14.33 -19.38 -3.35
C ARG A 14 -13.88 -18.59 -2.12
N ILE A 15 -13.07 -17.58 -2.33
CA ILE A 15 -12.78 -16.60 -1.30
C ILE A 15 -13.34 -15.26 -1.75
N ILE A 16 -13.91 -14.53 -0.77
CA ILE A 16 -14.36 -13.15 -0.94
C ILE A 16 -13.37 -12.19 -0.28
N LEU A 17 -12.88 -11.20 -1.05
CA LEU A 17 -11.94 -10.22 -0.55
C LEU A 17 -12.58 -8.84 -0.60
N PHE A 18 -12.39 -8.08 0.47
CA PHE A 18 -13.03 -6.79 0.63
C PHE A 18 -11.95 -5.79 1.03
N PRO A 19 -11.34 -5.13 0.04
CA PRO A 19 -10.31 -4.13 0.35
C PRO A 19 -10.86 -2.74 0.66
N VAL A 20 -10.02 -1.97 1.36
CA VAL A 20 -10.19 -0.54 1.46
C VAL A 20 -9.80 0.12 0.14
N PRO A 21 -10.61 1.06 -0.42
CA PRO A 21 -10.35 1.59 -1.76
C PRO A 21 -9.39 2.78 -1.87
N PHE A 22 -8.15 2.61 -1.39
CA PHE A 22 -7.08 3.60 -1.46
C PHE A 22 -5.73 2.93 -1.74
N GLN A 23 -4.78 3.72 -2.27
CA GLN A 23 -3.55 3.27 -2.93
C GLN A 23 -2.89 2.07 -2.25
N GLY A 24 -2.46 2.29 -0.98
CA GLY A 24 -1.66 1.31 -0.27
C GLY A 24 -2.50 0.16 0.31
N HIS A 25 -3.83 0.17 0.06
CA HIS A 25 -4.71 -0.90 0.51
C HIS A 25 -5.18 -1.81 -0.64
N ILE A 26 -5.50 -1.24 -1.80
CA ILE A 26 -6.08 -2.00 -2.91
C ILE A 26 -5.05 -2.95 -3.50
N ASN A 27 -3.85 -2.44 -3.78
CA ASN A 27 -2.87 -3.22 -4.53
C ASN A 27 -2.51 -4.51 -3.79
N PRO A 28 -2.12 -4.43 -2.51
CA PRO A 28 -1.81 -5.67 -1.78
C PRO A 28 -2.99 -6.66 -1.71
N MET A 29 -4.23 -6.18 -1.61
CA MET A 29 -5.35 -7.11 -1.55
C MET A 29 -5.53 -7.79 -2.91
N LEU A 30 -5.32 -7.06 -4.01
CA LEU A 30 -5.39 -7.65 -5.34
C LEU A 30 -4.29 -8.68 -5.55
N GLN A 31 -3.08 -8.39 -5.06
CA GLN A 31 -1.96 -9.30 -5.17
CA GLN A 31 -1.96 -9.31 -5.17
C GLN A 31 -2.28 -10.58 -4.37
N LEU A 32 -2.88 -10.42 -3.20
CA LEU A 32 -3.29 -11.56 -2.40
C LEU A 32 -4.33 -12.39 -3.17
N ALA A 33 -5.26 -11.69 -3.81
CA ALA A 33 -6.22 -12.37 -4.68
C ALA A 33 -5.50 -13.22 -5.73
N ASN A 34 -4.42 -12.69 -6.34
CA ASN A 34 -3.69 -13.41 -7.39
C ASN A 34 -3.01 -14.66 -6.85
N VAL A 35 -2.35 -14.53 -5.68
CA VAL A 35 -1.73 -15.68 -5.03
C VAL A 35 -2.78 -16.77 -4.83
N LEU A 36 -3.96 -16.39 -4.33
CA LEU A 36 -4.91 -17.40 -3.91
C LEU A 36 -5.53 -18.04 -5.15
N TYR A 37 -5.71 -17.24 -6.19
CA TYR A 37 -6.23 -17.76 -7.45
C TYR A 37 -5.29 -18.85 -7.97
N SER A 38 -3.98 -18.59 -7.84
CA SER A 38 -2.95 -19.52 -8.29
C SER A 38 -2.87 -20.76 -7.39
N LYS A 39 -3.42 -20.71 -6.18
CA LYS A 39 -3.46 -21.92 -5.36
C LYS A 39 -4.79 -22.65 -5.54
N GLY A 40 -5.63 -22.25 -6.50
CA GLY A 40 -6.80 -23.04 -6.87
C GLY A 40 -8.13 -22.50 -6.33
N PHE A 41 -8.13 -21.34 -5.65
CA PHE A 41 -9.36 -20.71 -5.17
C PHE A 41 -9.99 -19.86 -6.25
N SER A 42 -11.33 -19.84 -6.32
CA SER A 42 -12.00 -18.79 -7.06
C SER A 42 -12.14 -17.53 -6.19
N ILE A 43 -12.31 -16.38 -6.86
CA ILE A 43 -12.17 -15.07 -6.25
C ILE A 43 -13.37 -14.19 -6.62
N THR A 44 -14.01 -13.64 -5.58
CA THR A 44 -14.90 -12.50 -5.69
C THR A 44 -14.30 -11.33 -4.90
N ILE A 45 -14.24 -10.17 -5.55
CA ILE A 45 -13.85 -8.95 -4.89
C ILE A 45 -15.07 -8.06 -4.69
N PHE A 46 -15.32 -7.72 -3.41
CA PHE A 46 -16.27 -6.68 -3.05
C PHE A 46 -15.51 -5.36 -3.01
N HIS A 47 -16.03 -4.33 -3.66
CA HIS A 47 -15.35 -3.04 -3.76
C HIS A 47 -16.43 -1.97 -3.87
N THR A 48 -16.20 -0.80 -3.25
CA THR A 48 -17.01 0.38 -3.47
C THR A 48 -16.93 0.77 -4.96
N ASN A 49 -17.94 1.49 -5.42
CA ASN A 49 -17.89 2.13 -6.74
C ASN A 49 -16.78 3.18 -6.80
N PHE A 50 -16.54 3.81 -5.64
CA PHE A 50 -15.47 4.77 -5.48
C PHE A 50 -14.11 4.13 -5.70
N ASN A 51 -13.30 4.73 -6.59
CA ASN A 51 -11.95 4.30 -6.92
C ASN A 51 -11.92 2.86 -7.43
N LYS A 52 -12.98 2.48 -8.14
CA LYS A 52 -13.15 1.11 -8.60
C LYS A 52 -11.94 0.80 -9.47
N PRO A 53 -11.26 -0.33 -9.25
CA PRO A 53 -10.09 -0.67 -10.06
C PRO A 53 -10.54 -1.02 -11.47
N LYS A 54 -9.56 -1.34 -12.34
CA LYS A 54 -9.88 -1.64 -13.72
C LYS A 54 -10.05 -3.15 -13.86
N THR A 55 -11.30 -3.54 -14.13
CA THR A 55 -11.74 -4.91 -13.90
C THR A 55 -11.31 -5.80 -15.06
N SER A 56 -11.13 -5.18 -16.23
CA SER A 56 -10.65 -5.92 -17.40
C SER A 56 -9.18 -6.32 -17.21
N ASN A 57 -8.46 -5.69 -16.25
CA ASN A 57 -7.09 -6.07 -15.90
C ASN A 57 -7.01 -7.29 -14.98
N TYR A 58 -8.17 -7.79 -14.51
CA TYR A 58 -8.23 -8.94 -13.62
C TYR A 58 -9.38 -9.80 -14.10
N PRO A 59 -9.31 -10.37 -15.32
CA PRO A 59 -10.46 -11.09 -15.88
C PRO A 59 -10.84 -12.40 -15.19
N HIS A 60 -9.93 -12.91 -14.34
CA HIS A 60 -10.13 -14.15 -13.62
C HIS A 60 -10.84 -13.93 -12.27
N PHE A 61 -11.17 -12.68 -11.92
CA PHE A 61 -11.88 -12.38 -10.68
C PHE A 61 -13.27 -11.88 -10.99
N THR A 62 -14.22 -12.18 -10.13
CA THR A 62 -15.53 -11.57 -10.20
C THR A 62 -15.50 -10.36 -9.28
N PHE A 63 -15.94 -9.22 -9.81
CA PHE A 63 -16.06 -7.99 -9.05
C PHE A 63 -17.53 -7.78 -8.76
N ARG A 64 -17.79 -7.27 -7.56
CA ARG A 64 -19.13 -6.92 -7.16
C ARG A 64 -19.03 -5.63 -6.39
N PHE A 65 -19.69 -4.59 -6.93
CA PHE A 65 -19.66 -3.24 -6.38
C PHE A 65 -20.77 -3.05 -5.37
N ILE A 66 -20.41 -2.51 -4.19
CA ILE A 66 -21.35 -2.49 -3.09
C ILE A 66 -21.19 -1.17 -2.35
N LEU A 67 -22.19 -0.83 -1.53
CA LEU A 67 -22.09 0.15 -0.45
C LEU A 67 -22.34 1.58 -0.95
N ASP A 68 -22.01 1.88 -2.21
CA ASP A 68 -22.23 3.25 -2.68
C ASP A 68 -22.87 3.24 -4.06
N ASN A 69 -23.74 2.26 -4.32
CA ASN A 69 -24.34 2.07 -5.64
C ASN A 69 -25.29 3.23 -5.95
N ASP A 70 -25.42 3.52 -7.26
CA ASP A 70 -26.20 4.59 -7.89
C ASP A 70 -26.61 5.71 -6.92
N PRO A 71 -27.79 5.67 -6.23
CA PRO A 71 -28.18 6.78 -5.35
C PRO A 71 -27.37 6.74 -4.06
N GLN A 72 -26.19 7.40 -4.08
CA GLN A 72 -25.32 7.49 -2.92
C GLN A 72 -26.01 8.29 -1.82
N ASP A 73 -26.34 9.56 -2.13
CA ASP A 73 -27.25 10.38 -1.34
C ASP A 73 -26.69 10.63 0.07
N GLU A 74 -26.45 11.92 0.37
CA GLU A 74 -26.13 12.44 1.69
C GLU A 74 -24.82 13.21 1.60
N ARG A 75 -23.83 12.84 2.43
CA ARG A 75 -22.48 13.39 2.37
C ARG A 75 -21.54 12.38 1.72
N ILE A 76 -21.82 11.09 1.93
CA ILE A 76 -21.28 10.03 1.09
C ILE A 76 -21.30 10.45 -0.39
N SER A 77 -22.19 11.37 -0.78
CA SER A 77 -22.22 11.88 -2.14
C SER A 77 -21.27 13.07 -2.34
N ASN A 78 -21.09 13.89 -1.29
CA ASN A 78 -20.09 14.95 -1.31
C ASN A 78 -18.71 14.32 -1.14
N LEU A 79 -17.76 15.07 -0.56
CA LEU A 79 -16.52 14.52 0.01
C LEU A 79 -15.44 14.49 -1.06
N PRO A 80 -14.33 15.23 -0.89
CA PRO A 80 -13.26 15.21 -1.89
C PRO A 80 -12.93 13.77 -2.28
N THR A 81 -12.48 13.60 -3.51
CA THR A 81 -12.10 12.29 -3.99
C THR A 81 -10.61 12.14 -3.72
N HIS A 82 -9.94 13.26 -3.39
CA HIS A 82 -8.50 13.23 -3.24
C HIS A 82 -8.09 13.83 -1.90
N GLY A 83 -6.87 13.50 -1.48
CA GLY A 83 -6.31 14.01 -0.24
C GLY A 83 -6.97 13.42 1.01
N PRO A 84 -6.63 14.01 2.19
CA PRO A 84 -6.89 13.38 3.48
C PRO A 84 -8.36 13.13 3.83
N LEU A 85 -9.27 13.95 3.29
CA LEU A 85 -10.67 13.89 3.68
C LEU A 85 -11.43 12.87 2.82
N ALA A 86 -10.80 12.37 1.75
CA ALA A 86 -11.39 11.30 0.97
C ALA A 86 -11.71 10.12 1.87
N GLY A 87 -10.82 9.86 2.82
CA GLY A 87 -10.89 8.72 3.71
C GLY A 87 -12.04 8.81 4.72
N MET A 88 -12.83 9.88 4.68
CA MET A 88 -13.98 9.93 5.57
C MET A 88 -14.99 8.86 5.15
N ARG A 89 -14.80 8.28 3.97
CA ARG A 89 -15.66 7.20 3.52
CA ARG A 89 -15.66 7.20 3.52
C ARG A 89 -15.56 6.01 4.47
N ILE A 90 -14.37 5.83 5.07
CA ILE A 90 -14.05 4.66 5.86
C ILE A 90 -14.85 4.62 7.18
N PRO A 91 -14.74 5.61 8.09
CA PRO A 91 -15.63 5.68 9.26
C PRO A 91 -17.12 5.59 8.93
N ILE A 92 -17.58 6.18 7.83
CA ILE A 92 -18.99 6.07 7.48
C ILE A 92 -19.38 4.61 7.23
N ILE A 93 -18.54 3.87 6.50
CA ILE A 93 -18.86 2.49 6.18
C ILE A 93 -18.73 1.62 7.43
N ASN A 94 -17.71 1.85 8.28
CA ASN A 94 -17.58 1.13 9.53
C ASN A 94 -18.84 1.35 10.37
N GLU A 95 -19.35 2.58 10.38
CA GLU A 95 -20.52 2.89 11.18
C GLU A 95 -21.83 2.34 10.56
N HIS A 96 -22.01 2.38 9.25
CA HIS A 96 -23.33 2.19 8.66
C HIS A 96 -23.47 0.96 7.75
N GLY A 97 -22.35 0.32 7.40
CA GLY A 97 -22.32 -0.61 6.28
C GLY A 97 -22.78 -2.04 6.60
N ALA A 98 -22.97 -2.37 7.88
CA ALA A 98 -23.18 -3.76 8.30
C ALA A 98 -24.31 -4.44 7.52
N ASP A 99 -25.50 -3.84 7.49
CA ASP A 99 -26.67 -4.53 6.95
C ASP A 99 -26.50 -4.76 5.46
N GLU A 100 -25.91 -3.81 4.75
CA GLU A 100 -25.68 -3.97 3.33
C GLU A 100 -24.56 -4.99 3.06
N LEU A 101 -23.47 -4.99 3.86
CA LEU A 101 -22.45 -6.02 3.71
C LEU A 101 -23.10 -7.38 3.91
N ARG A 102 -23.95 -7.50 4.93
CA ARG A 102 -24.65 -8.75 5.23
C ARG A 102 -25.52 -9.17 4.04
N ARG A 103 -26.30 -8.24 3.49
CA ARG A 103 -27.17 -8.56 2.36
C ARG A 103 -26.34 -9.07 1.18
N GLU A 104 -25.25 -8.40 0.83
CA GLU A 104 -24.46 -8.80 -0.33
C GLU A 104 -23.86 -10.19 -0.12
N LEU A 105 -23.44 -10.50 1.10
CA LEU A 105 -22.87 -11.80 1.41
C LEU A 105 -23.95 -12.88 1.24
N GLU A 106 -25.17 -12.61 1.70
CA GLU A 106 -26.29 -13.53 1.57
C GLU A 106 -26.66 -13.76 0.10
N LEU A 107 -26.66 -12.69 -0.72
CA LEU A 107 -27.05 -12.76 -2.12
C LEU A 107 -26.08 -13.68 -2.84
N LEU A 108 -24.80 -13.60 -2.46
CA LEU A 108 -23.79 -14.39 -3.14
C LEU A 108 -23.88 -15.85 -2.73
N MET A 109 -24.14 -16.11 -1.45
CA MET A 109 -24.32 -17.47 -0.96
C MET A 109 -25.57 -18.10 -1.60
N LEU A 110 -26.64 -17.32 -1.84
CA LEU A 110 -27.87 -17.85 -2.43
C LEU A 110 -27.65 -18.23 -3.89
N ALA A 111 -26.80 -17.49 -4.60
CA ALA A 111 -26.53 -17.75 -6.00
C ALA A 111 -25.39 -18.76 -6.19
N SER A 112 -24.78 -19.23 -5.10
CA SER A 112 -23.68 -20.20 -5.19
C SER A 112 -24.09 -21.43 -6.00
N GLU A 113 -23.19 -21.90 -6.88
CA GLU A 113 -23.41 -23.13 -7.64
C GLU A 113 -23.20 -24.34 -6.74
N GLU A 114 -23.81 -25.47 -7.11
CA GLU A 114 -23.93 -26.60 -6.20
C GLU A 114 -22.54 -27.17 -5.89
N ASP A 115 -21.59 -27.07 -6.84
CA ASP A 115 -20.26 -27.63 -6.68
C ASP A 115 -19.28 -26.66 -6.00
N GLU A 116 -19.72 -25.48 -5.54
CA GLU A 116 -18.82 -24.53 -4.91
C GLU A 116 -19.37 -24.10 -3.56
N GLU A 117 -18.44 -23.69 -2.69
CA GLU A 117 -18.78 -23.08 -1.42
C GLU A 117 -17.77 -21.97 -1.13
N VAL A 118 -18.17 -21.03 -0.28
CA VAL A 118 -17.32 -19.94 0.17
C VAL A 118 -16.54 -20.38 1.39
N SER A 119 -15.20 -20.33 1.29
CA SER A 119 -14.32 -20.76 2.37
C SER A 119 -14.22 -19.75 3.52
N CYS A 120 -14.06 -18.47 3.17
CA CYS A 120 -13.82 -17.42 4.14
C CYS A 120 -13.93 -16.05 3.48
N LEU A 121 -14.12 -15.02 4.29
CA LEU A 121 -14.07 -13.65 3.86
C LEU A 121 -12.72 -13.08 4.30
N ILE A 122 -12.03 -12.37 3.41
CA ILE A 122 -10.83 -11.69 3.83
C ILE A 122 -11.08 -10.20 3.68
N THR A 123 -10.92 -9.42 4.75
CA THR A 123 -11.12 -8.00 4.67
C THR A 123 -9.83 -7.30 5.05
N ASP A 124 -9.71 -6.04 4.63
CA ASP A 124 -8.76 -5.14 5.27
C ASP A 124 -9.08 -5.10 6.77
N ALA A 125 -8.03 -4.94 7.58
CA ALA A 125 -8.17 -4.79 9.02
C ALA A 125 -8.96 -3.52 9.35
N LEU A 126 -8.87 -2.47 8.50
CA LEU A 126 -9.62 -1.26 8.77
C LEU A 126 -11.13 -1.51 8.76
N TRP A 127 -11.60 -2.52 8.02
CA TRP A 127 -13.01 -2.88 8.01
C TRP A 127 -13.38 -3.76 9.21
N TYR A 128 -13.29 -3.17 10.41
CA TYR A 128 -13.51 -3.91 11.64
C TYR A 128 -14.98 -4.26 11.80
N PHE A 129 -15.89 -3.54 11.14
CA PHE A 129 -17.32 -3.84 11.23
C PHE A 129 -17.64 -5.21 10.65
N ALA A 130 -16.76 -5.74 9.80
CA ALA A 130 -17.08 -6.93 9.02
C ALA A 130 -17.07 -8.19 9.90
N GLN A 131 -16.41 -8.12 11.06
CA GLN A 131 -16.27 -9.29 11.91
C GLN A 131 -17.62 -9.76 12.43
N SER A 132 -18.46 -8.88 12.96
CA SER A 132 -19.70 -9.37 13.57
C SER A 132 -20.68 -9.75 12.46
N VAL A 133 -20.54 -9.15 11.28
CA VAL A 133 -21.32 -9.56 10.13
C VAL A 133 -20.94 -10.98 9.73
N ALA A 134 -19.62 -11.25 9.60
CA ALA A 134 -19.17 -12.59 9.28
C ALA A 134 -19.67 -13.60 10.31
N ASP A 135 -19.51 -13.25 11.58
CA ASP A 135 -19.95 -14.06 12.70
C ASP A 135 -21.44 -14.35 12.60
N SER A 136 -22.26 -13.38 12.18
CA SER A 136 -23.71 -13.54 12.11
C SER A 136 -24.08 -14.57 11.03
N LEU A 137 -23.26 -14.73 10.00
CA LEU A 137 -23.52 -15.70 8.95
C LEU A 137 -22.73 -17.00 9.11
N ASN A 138 -22.03 -17.21 10.22
CA ASN A 138 -21.13 -18.35 10.39
C ASN A 138 -20.11 -18.47 9.26
N LEU A 139 -19.52 -17.33 8.90
CA LEU A 139 -18.47 -17.25 7.91
C LEU A 139 -17.21 -16.82 8.67
N ARG A 140 -16.09 -17.51 8.45
CA ARG A 140 -14.83 -17.14 9.06
C ARG A 140 -14.21 -15.98 8.29
N ARG A 141 -13.68 -15.02 9.05
CA ARG A 141 -13.02 -13.86 8.50
C ARG A 141 -11.53 -13.86 8.84
N LEU A 142 -10.70 -13.65 7.81
CA LEU A 142 -9.28 -13.35 7.99
C LEU A 142 -9.09 -11.86 7.68
N VAL A 143 -8.02 -11.30 8.20
CA VAL A 143 -7.78 -9.88 8.04
C VAL A 143 -6.46 -9.67 7.33
N LEU A 144 -6.37 -8.63 6.49
CA LEU A 144 -5.08 -8.27 5.88
C LEU A 144 -4.63 -6.97 6.50
N MET A 145 -3.43 -7.02 7.10
CA MET A 145 -2.73 -5.84 7.56
C MET A 145 -1.85 -5.39 6.40
N THR A 146 -2.22 -4.28 5.75
CA THR A 146 -1.57 -3.80 4.54
C THR A 146 -0.27 -3.07 4.86
N SER A 147 -0.10 -2.66 6.14
CA SER A 147 1.08 -1.96 6.61
C SER A 147 1.94 -2.83 7.54
N SER A 148 3.01 -2.22 8.12
CA SER A 148 4.13 -2.94 8.68
C SER A 148 3.78 -3.51 10.04
N LEU A 149 4.56 -4.50 10.49
CA LEU A 149 4.49 -4.96 11.87
C LEU A 149 4.91 -3.87 12.84
N PHE A 150 5.92 -3.06 12.48
CA PHE A 150 6.38 -2.00 13.37
C PHE A 150 5.27 -0.98 13.63
N ASN A 151 4.53 -0.64 12.58
CA ASN A 151 3.44 0.31 12.72
C ASN A 151 2.46 -0.18 13.79
N PHE A 152 2.17 -1.49 13.83
CA PHE A 152 1.26 -2.04 14.82
C PHE A 152 1.84 -1.92 16.23
N HIS A 153 3.11 -2.29 16.35
CA HIS A 153 3.82 -2.21 17.62
C HIS A 153 3.86 -0.77 18.17
N ALA A 154 4.14 0.22 17.33
CA ALA A 154 4.28 1.60 17.80
C ALA A 154 2.99 2.15 18.42
N HIS A 155 1.85 1.77 17.85
CA HIS A 155 0.55 2.25 18.30
C HIS A 155 0.03 1.46 19.48
N VAL A 156 0.43 0.17 19.60
CA VAL A 156 -0.13 -0.71 20.62
C VAL A 156 0.53 -0.36 21.95
N SER A 157 1.83 0.00 21.91
CA SER A 157 2.57 0.34 23.11
C SER A 157 2.91 1.83 23.14
N LYS A 188 8.55 8.50 20.20
CA LYS A 188 8.12 8.96 21.55
C LYS A 188 7.27 10.22 21.42
N ASP A 189 7.63 11.08 20.46
CA ASP A 189 6.90 12.30 20.15
C ASP A 189 5.65 11.98 19.33
N ILE A 190 5.78 11.10 18.32
CA ILE A 190 4.68 10.75 17.44
C ILE A 190 3.65 9.92 18.22
N GLN A 191 4.16 9.10 19.14
CA GLN A 191 3.32 8.29 20.01
C GLN A 191 2.44 9.19 20.89
N PHE A 192 2.98 10.36 21.29
CA PHE A 192 2.22 11.30 22.12
C PHE A 192 1.30 12.15 21.24
N GLY A 193 1.66 12.34 19.96
CA GLY A 193 0.76 12.92 18.98
C GLY A 193 -0.51 12.08 18.81
N PHE A 194 -0.34 10.75 18.76
CA PHE A 194 -1.43 9.78 18.67
C PHE A 194 -2.22 9.68 19.99
N SER A 195 -1.54 9.77 21.14
CA SER A 195 -2.24 9.77 22.42
C SER A 195 -3.11 11.03 22.56
N ASN A 196 -2.84 12.06 21.76
CA ASN A 196 -3.61 13.29 21.72
C ASN A 196 -4.77 13.22 20.69
N TRP A 197 -4.83 12.13 19.91
CA TRP A 197 -5.73 12.01 18.77
C TRP A 197 -6.85 11.02 19.04
N LYS A 198 -8.05 11.55 19.32
CA LYS A 198 -9.12 10.79 19.91
C LYS A 198 -9.69 9.82 18.88
N GLN A 199 -9.95 10.32 17.67
CA GLN A 199 -10.50 9.48 16.63
C GLN A 199 -9.49 8.38 16.28
N GLY A 200 -8.21 8.73 16.15
CA GLY A 200 -7.18 7.78 15.74
C GLY A 200 -7.11 6.60 16.71
N LYS A 201 -7.21 6.93 17.99
CA LYS A 201 -7.03 5.99 19.09
C LYS A 201 -8.24 5.04 19.15
N GLU A 202 -9.46 5.61 19.05
CA GLU A 202 -10.67 4.80 19.09
C GLU A 202 -10.74 3.85 17.88
N ILE A 203 -10.40 4.34 16.68
CA ILE A 203 -10.41 3.46 15.51
C ILE A 203 -9.38 2.33 15.72
N PHE A 204 -8.22 2.68 16.29
CA PHE A 204 -7.15 1.71 16.39
C PHE A 204 -7.55 0.63 17.41
N GLU A 205 -8.21 1.01 18.51
CA GLU A 205 -8.75 0.07 19.47
C GLU A 205 -9.78 -0.85 18.81
N ASN A 206 -10.64 -0.33 17.93
CA ASN A 206 -11.63 -1.17 17.26
C ASN A 206 -10.97 -2.15 16.27
N ILE A 207 -10.01 -1.65 15.49
CA ILE A 207 -9.24 -2.50 14.60
C ILE A 207 -8.59 -3.65 15.36
N THR A 208 -7.92 -3.31 16.46
CA THR A 208 -7.18 -4.26 17.26
C THR A 208 -8.11 -5.35 17.78
N LYS A 209 -9.27 -4.97 18.32
CA LYS A 209 -10.15 -5.94 18.94
C LYS A 209 -10.73 -6.88 17.88
N GLN A 210 -11.10 -6.32 16.72
CA GLN A 210 -11.69 -7.14 15.67
C GLN A 210 -10.64 -7.94 14.91
N THR A 211 -9.37 -7.55 14.98
CA THR A 211 -8.31 -8.37 14.43
C THR A 211 -8.07 -9.59 15.33
N LYS A 212 -8.01 -9.36 16.64
CA LYS A 212 -7.83 -10.46 17.58
C LYS A 212 -8.98 -11.46 17.51
N ALA A 213 -10.18 -10.98 17.15
CA ALA A 213 -11.38 -11.82 17.13
C ALA A 213 -11.45 -12.59 15.82
N SER A 214 -10.64 -12.22 14.83
CA SER A 214 -10.71 -12.87 13.53
C SER A 214 -10.13 -14.28 13.62
N SER A 215 -10.22 -15.03 12.52
CA SER A 215 -9.64 -16.36 12.44
C SER A 215 -8.20 -16.31 11.91
N GLY A 216 -7.66 -15.14 11.59
CA GLY A 216 -6.29 -15.11 11.12
C GLY A 216 -5.92 -13.74 10.54
N VAL A 217 -4.61 -13.44 10.59
CA VAL A 217 -4.07 -12.17 10.15
C VAL A 217 -2.97 -12.44 9.13
N ILE A 218 -3.10 -11.80 7.96
CA ILE A 218 -2.09 -11.86 6.92
C ILE A 218 -1.36 -10.53 6.94
N TRP A 219 -0.05 -10.57 7.17
CA TRP A 219 0.73 -9.33 7.18
C TRP A 219 1.46 -9.18 5.86
N ASN A 220 1.47 -7.96 5.32
CA ASN A 220 2.17 -7.67 4.08
C ASN A 220 3.64 -7.40 4.42
N SER A 221 4.40 -8.47 4.64
CA SER A 221 5.79 -8.35 5.09
C SER A 221 6.48 -9.70 5.01
N PHE A 222 7.74 -9.74 5.40
CA PHE A 222 8.45 -11.01 5.53
C PHE A 222 9.34 -10.93 6.77
N LYS A 223 9.59 -12.11 7.35
CA LYS A 223 10.11 -12.25 8.69
C LYS A 223 11.48 -11.59 8.80
N GLU A 224 12.28 -11.72 7.74
CA GLU A 224 13.66 -11.25 7.77
C GLU A 224 13.72 -9.72 7.65
N LEU A 225 12.61 -9.07 7.27
CA LEU A 225 12.58 -7.62 7.15
C LEU A 225 12.35 -6.98 8.51
N GLU A 226 11.59 -7.64 9.38
CA GLU A 226 11.15 -7.02 10.62
C GLU A 226 11.27 -8.03 11.75
N GLU A 227 12.48 -8.59 11.89
CA GLU A 227 12.68 -9.77 12.72
C GLU A 227 12.55 -9.46 14.22
N SER A 228 12.72 -8.19 14.62
CA SER A 228 12.58 -7.81 16.03
C SER A 228 11.11 -7.60 16.40
N GLU A 229 10.28 -7.19 15.43
CA GLU A 229 8.87 -6.94 15.69
C GLU A 229 8.09 -8.25 15.81
N LEU A 230 8.57 -9.33 15.16
CA LEU A 230 7.77 -10.52 14.96
C LEU A 230 7.20 -11.01 16.28
N GLU A 231 8.09 -11.42 17.19
CA GLU A 231 7.66 -12.09 18.41
C GLU A 231 6.57 -11.25 19.06
N THR A 232 6.87 -9.98 19.31
CA THR A 232 6.01 -9.12 20.08
C THR A 232 4.65 -8.92 19.40
N VAL A 233 4.66 -8.67 18.11
CA VAL A 233 3.39 -8.42 17.44
C VAL A 233 2.55 -9.69 17.44
N ILE A 234 3.13 -10.78 16.93
CA ILE A 234 2.42 -12.04 16.79
C ILE A 234 1.75 -12.40 18.11
N ARG A 235 2.53 -12.35 19.19
CA ARG A 235 2.12 -12.73 20.54
C ARG A 235 0.93 -11.95 21.09
N GLU A 236 0.81 -10.64 20.79
CA GLU A 236 -0.29 -9.80 21.27
C GLU A 236 -1.63 -10.23 20.66
N ILE A 237 -1.58 -10.93 19.52
CA ILE A 237 -2.77 -11.27 18.76
C ILE A 237 -3.01 -12.79 18.84
N PRO A 238 -4.08 -13.27 19.49
CA PRO A 238 -4.35 -14.72 19.53
C PRO A 238 -4.56 -15.37 18.15
N ALA A 239 -5.21 -14.64 17.22
CA ALA A 239 -5.44 -15.18 15.89
C ALA A 239 -4.10 -15.48 15.23
N PRO A 240 -3.96 -16.61 14.50
CA PRO A 240 -2.69 -16.98 13.90
C PRO A 240 -2.26 -15.98 12.83
N SER A 241 -0.97 -15.63 12.84
CA SER A 241 -0.39 -14.68 11.90
C SER A 241 0.36 -15.42 10.80
N PHE A 242 0.34 -14.83 9.60
CA PHE A 242 1.00 -15.34 8.39
C PHE A 242 1.66 -14.15 7.69
N LEU A 243 2.98 -14.20 7.49
CA LEU A 243 3.68 -13.09 6.87
C LEU A 243 3.86 -13.46 5.42
N ILE A 244 3.33 -12.61 4.53
CA ILE A 244 3.45 -12.82 3.10
C ILE A 244 3.74 -11.48 2.45
N PRO A 245 4.92 -11.35 1.81
CA PRO A 245 5.28 -10.14 1.09
C PRO A 245 4.64 -10.10 -0.30
N LEU A 246 3.56 -9.33 -0.40
CA LEU A 246 2.70 -9.38 -1.56
C LEU A 246 3.34 -8.77 -2.80
N PRO A 247 4.14 -7.69 -2.71
CA PRO A 247 4.78 -7.12 -3.90
C PRO A 247 5.49 -8.15 -4.77
N LYS A 248 6.10 -9.17 -4.14
CA LYS A 248 6.57 -10.32 -4.89
C LYS A 248 5.34 -11.19 -5.24
N THR A 263 6.75 -5.50 -20.65
CA THR A 263 6.60 -4.09 -21.06
C THR A 263 7.99 -3.50 -21.29
N VAL A 264 8.06 -2.43 -22.07
CA VAL A 264 9.35 -1.92 -22.54
C VAL A 264 9.32 -0.41 -22.33
N PHE A 265 10.44 0.11 -21.83
CA PHE A 265 10.58 1.53 -21.56
C PHE A 265 11.72 2.06 -22.43
N PRO A 266 11.45 2.42 -23.70
CA PRO A 266 12.50 2.87 -24.63
C PRO A 266 13.37 3.99 -24.08
N TRP A 267 12.79 4.97 -23.39
CA TRP A 267 13.57 6.07 -22.86
C TRP A 267 14.50 5.60 -21.73
N LEU A 268 13.99 4.73 -20.85
CA LEU A 268 14.78 4.18 -19.74
C LEU A 268 15.94 3.32 -20.28
N ASP A 269 15.64 2.54 -21.33
CA ASP A 269 16.60 1.62 -21.93
C ASP A 269 17.84 2.33 -22.45
N GLN A 270 17.71 3.63 -22.76
CA GLN A 270 18.78 4.46 -23.26
C GLN A 270 19.54 5.18 -22.16
N GLN A 271 19.23 4.93 -20.88
CA GLN A 271 19.89 5.66 -19.81
C GLN A 271 20.92 4.74 -19.16
N PRO A 272 22.04 5.28 -18.64
CA PRO A 272 22.98 4.48 -17.83
C PRO A 272 22.40 3.96 -16.50
N SER A 273 22.94 2.84 -16.03
CA SER A 273 22.44 2.16 -14.83
C SER A 273 22.42 3.10 -13.65
N ARG A 274 21.34 3.02 -12.86
CA ARG A 274 21.26 3.75 -11.61
C ARG A 274 21.34 5.25 -11.86
N SER A 275 21.00 5.71 -13.06
CA SER A 275 21.14 7.12 -13.40
C SER A 275 19.82 7.90 -13.25
N VAL A 276 18.68 7.21 -13.11
CA VAL A 276 17.38 7.86 -13.12
C VAL A 276 16.72 7.85 -11.73
N LEU A 277 16.29 9.04 -11.30
CA LEU A 277 15.35 9.16 -10.18
C LEU A 277 13.92 8.90 -10.65
N TYR A 278 13.28 7.89 -10.06
CA TYR A 278 11.88 7.57 -10.28
C TYR A 278 11.06 8.25 -9.20
N VAL A 279 10.08 9.09 -9.58
CA VAL A 279 9.30 9.90 -8.68
C VAL A 279 7.83 9.53 -8.87
N SER A 280 7.17 9.00 -7.82
CA SER A 280 5.74 8.73 -7.88
C SER A 280 5.09 8.80 -6.51
N PHE A 281 4.10 9.69 -6.35
CA PHE A 281 3.37 9.85 -5.11
C PHE A 281 2.02 9.11 -5.13
N GLY A 282 1.76 8.27 -6.14
CA GLY A 282 0.61 7.38 -6.08
C GLY A 282 -0.67 8.08 -6.55
N SER A 283 -1.83 7.47 -6.26
CA SER A 283 -3.08 7.83 -6.93
C SER A 283 -4.03 8.70 -6.08
N ALA A 284 -3.80 8.82 -4.78
CA ALA A 284 -4.74 9.52 -3.90
C ALA A 284 -4.23 10.89 -3.47
N THR A 285 -2.93 11.14 -3.70
CA THR A 285 -2.26 12.27 -3.09
CA THR A 285 -2.27 12.28 -3.08
C THR A 285 -2.46 13.52 -3.94
N GLU A 286 -2.35 14.68 -3.29
CA GLU A 286 -2.47 15.97 -3.96
C GLU A 286 -1.52 16.94 -3.29
N VAL A 287 -1.18 18.04 -3.98
CA VAL A 287 -0.36 19.08 -3.40
C VAL A 287 -0.91 20.42 -3.88
N ASP A 288 -0.61 21.49 -3.13
CA ASP A 288 -0.84 22.86 -3.59
C ASP A 288 0.21 23.23 -4.65
N GLU A 289 -0.11 24.23 -5.46
CA GLU A 289 0.76 24.68 -6.54
C GLU A 289 2.16 25.06 -6.02
N LYS A 290 2.23 25.69 -4.85
CA LYS A 290 3.52 26.11 -4.28
C LYS A 290 4.43 24.90 -4.08
N ASP A 291 3.85 23.80 -3.58
CA ASP A 291 4.60 22.59 -3.29
C ASP A 291 5.02 21.90 -4.58
N PHE A 292 4.12 21.83 -5.56
CA PHE A 292 4.48 21.29 -6.86
C PHE A 292 5.72 22.00 -7.39
N LEU A 293 5.74 23.34 -7.33
CA LEU A 293 6.86 24.07 -7.90
C LEU A 293 8.13 23.81 -7.12
N GLU A 294 8.01 23.64 -5.80
CA GLU A 294 9.21 23.37 -5.02
C GLU A 294 9.76 21.98 -5.36
N ILE A 295 8.86 21.03 -5.66
CA ILE A 295 9.30 19.69 -6.08
C ILE A 295 10.06 19.82 -7.40
N ALA A 296 9.55 20.66 -8.31
CA ALA A 296 10.19 20.87 -9.60
C ALA A 296 11.54 21.57 -9.42
N ARG A 297 11.57 22.65 -8.64
CA ARG A 297 12.85 23.32 -8.36
C ARG A 297 13.86 22.34 -7.79
N GLY A 298 13.44 21.49 -6.84
CA GLY A 298 14.35 20.52 -6.24
C GLY A 298 14.95 19.53 -7.23
N LEU A 299 14.13 19.01 -8.15
CA LEU A 299 14.57 18.03 -9.14
C LEU A 299 15.65 18.64 -10.03
N VAL A 300 15.41 19.87 -10.48
CA VAL A 300 16.35 20.60 -11.34
C VAL A 300 17.68 20.75 -10.61
N ASP A 301 17.63 21.26 -9.37
CA ASP A 301 18.82 21.58 -8.61
C ASP A 301 19.60 20.32 -8.27
N SER A 302 18.96 19.15 -8.33
CA SER A 302 19.64 17.89 -8.04
C SER A 302 20.59 17.54 -9.18
N LYS A 303 20.24 18.02 -10.38
CA LYS A 303 20.94 17.78 -11.63
C LYS A 303 20.91 16.32 -12.02
N GLN A 304 19.98 15.55 -11.44
CA GLN A 304 19.83 14.17 -11.83
C GLN A 304 18.79 14.06 -12.94
N SER A 305 18.88 12.94 -13.64
CA SER A 305 17.89 12.55 -14.60
C SER A 305 16.71 11.94 -13.83
N PHE A 306 15.49 12.22 -14.29
CA PHE A 306 14.30 11.84 -13.54
C PHE A 306 13.19 11.41 -14.48
N LEU A 307 12.48 10.37 -14.02
CA LEU A 307 11.18 10.00 -14.55
C LEU A 307 10.11 10.30 -13.49
N TRP A 308 9.34 11.38 -13.73
CA TRP A 308 8.37 11.89 -12.80
C TRP A 308 6.96 11.57 -13.28
N VAL A 309 6.28 10.70 -12.54
CA VAL A 309 4.89 10.38 -12.77
C VAL A 309 4.04 11.43 -12.04
N VAL A 310 3.24 12.19 -12.79
CA VAL A 310 2.30 13.14 -12.23
C VAL A 310 0.90 12.76 -12.71
N ARG A 311 0.09 12.20 -11.82
CA ARG A 311 -1.33 12.02 -12.06
C ARG A 311 -1.95 13.35 -12.48
N PRO A 312 -2.87 13.37 -13.47
CA PRO A 312 -3.71 14.56 -13.69
C PRO A 312 -4.57 14.78 -12.43
N GLY A 313 -4.57 16.01 -11.90
CA GLY A 313 -5.30 16.29 -10.68
C GLY A 313 -4.40 16.31 -9.43
N PHE A 314 -3.13 15.92 -9.55
CA PHE A 314 -2.20 15.92 -8.43
C PHE A 314 -1.97 17.35 -7.93
N VAL A 315 -1.91 18.30 -8.86
CA VAL A 315 -1.76 19.70 -8.49
C VAL A 315 -3.15 20.30 -8.35
N LYS A 316 -3.52 20.71 -7.14
CA LYS A 316 -4.81 21.34 -6.92
C LYS A 316 -4.99 22.59 -7.78
N GLY A 317 -6.12 22.69 -8.48
CA GLY A 317 -6.38 23.86 -9.32
C GLY A 317 -5.85 23.72 -10.75
N SER A 318 -5.25 22.58 -11.13
CA SER A 318 -4.84 22.43 -12.52
C SER A 318 -5.05 21.00 -13.02
N THR A 319 -5.31 20.87 -14.33
CA THR A 319 -5.58 19.56 -14.94
C THR A 319 -4.34 18.66 -14.81
N TRP A 320 -3.15 19.21 -15.09
CA TRP A 320 -1.96 18.37 -15.07
C TRP A 320 -0.75 19.16 -14.58
N VAL A 321 0.05 19.75 -15.48
CA VAL A 321 1.32 20.34 -15.07
C VAL A 321 1.47 21.79 -15.56
N GLU A 322 0.33 22.47 -15.71
CA GLU A 322 0.32 23.83 -16.26
C GLU A 322 1.29 24.75 -15.51
N PRO A 323 1.41 24.66 -14.17
CA PRO A 323 2.32 25.54 -13.42
C PRO A 323 3.81 25.42 -13.71
N LEU A 324 4.24 24.36 -14.43
CA LEU A 324 5.66 24.18 -14.71
C LEU A 324 6.17 25.37 -15.51
N PRO A 325 7.40 25.84 -15.26
CA PRO A 325 7.92 27.01 -15.96
C PRO A 325 8.26 26.61 -17.39
N ASP A 326 8.48 27.60 -18.23
CA ASP A 326 8.75 27.36 -19.64
C ASP A 326 10.16 26.79 -19.77
N GLY A 327 10.30 25.73 -20.56
CA GLY A 327 11.60 25.12 -20.78
C GLY A 327 12.05 24.27 -19.60
N PHE A 328 11.15 23.97 -18.65
CA PHE A 328 11.43 22.93 -17.66
C PHE A 328 11.79 21.67 -18.44
N LEU A 329 12.25 20.62 -17.76
CA LEU A 329 12.44 19.31 -18.39
C LEU A 329 13.84 19.24 -19.00
N GLY A 330 14.11 20.12 -19.97
CA GLY A 330 15.42 20.18 -20.62
C GLY A 330 15.78 18.81 -21.22
N GLU A 331 17.02 18.38 -20.97
CA GLU A 331 17.49 17.11 -21.49
C GLU A 331 17.50 16.05 -20.38
N ARG A 332 17.16 16.46 -19.14
CA ARG A 332 17.26 15.57 -17.99
C ARG A 332 15.96 14.81 -17.77
N GLY A 333 14.86 15.55 -17.77
CA GLY A 333 13.64 15.07 -17.16
C GLY A 333 12.73 14.39 -18.18
N ARG A 334 11.87 13.51 -17.66
CA ARG A 334 10.73 12.99 -18.38
C ARG A 334 9.52 12.95 -17.47
N ILE A 335 8.38 13.45 -17.98
CA ILE A 335 7.14 13.39 -17.22
C ILE A 335 6.11 12.54 -17.97
N VAL A 336 5.37 11.76 -17.18
CA VAL A 336 4.40 10.81 -17.69
C VAL A 336 3.18 10.86 -16.78
N LYS A 337 2.06 10.30 -17.24
CA LYS A 337 0.83 10.29 -16.45
C LYS A 337 0.72 8.99 -15.67
N TRP A 338 1.21 7.90 -16.24
CA TRP A 338 1.10 6.62 -15.53
C TRP A 338 2.10 5.63 -16.10
N VAL A 339 2.67 4.82 -15.21
CA VAL A 339 3.49 3.68 -15.62
C VAL A 339 3.25 2.57 -14.61
N PRO A 340 3.53 1.29 -14.94
CA PRO A 340 3.47 0.19 -13.96
C PRO A 340 4.70 0.17 -13.06
N GLN A 341 4.49 0.41 -11.77
CA GLN A 341 5.55 0.71 -10.82
C GLN A 341 6.53 -0.45 -10.62
N GLN A 342 6.06 -1.67 -10.39
CA GLN A 342 6.96 -2.78 -10.13
CA GLN A 342 6.90 -2.84 -10.19
C GLN A 342 7.91 -2.93 -11.32
N GLU A 343 7.39 -2.86 -12.56
CA GLU A 343 8.18 -3.00 -13.79
C GLU A 343 9.23 -1.91 -13.85
N VAL A 344 8.86 -0.66 -13.57
CA VAL A 344 9.86 0.40 -13.58
C VAL A 344 10.95 0.15 -12.54
N LEU A 345 10.57 -0.27 -11.32
CA LEU A 345 11.51 -0.41 -10.21
C LEU A 345 12.53 -1.51 -10.50
N ALA A 346 12.12 -2.55 -11.25
CA ALA A 346 12.99 -3.61 -11.73
C ALA A 346 13.97 -3.17 -12.81
N HIS A 347 13.82 -1.99 -13.41
CA HIS A 347 14.68 -1.57 -14.52
C HIS A 347 16.03 -1.10 -14.01
N GLY A 348 17.09 -1.44 -14.75
CA GLY A 348 18.46 -1.16 -14.34
C GLY A 348 18.83 0.31 -14.38
N ALA A 349 18.02 1.13 -15.06
CA ALA A 349 18.25 2.57 -15.09
C ALA A 349 17.91 3.24 -13.75
N ILE A 350 17.03 2.64 -12.94
CA ILE A 350 16.54 3.35 -11.75
C ILE A 350 17.58 3.27 -10.63
N GLY A 351 18.02 4.45 -10.18
CA GLY A 351 18.97 4.62 -9.08
C GLY A 351 18.27 4.90 -7.75
N ALA A 352 17.08 5.52 -7.77
CA ALA A 352 16.37 5.81 -6.53
C ALA A 352 14.88 6.02 -6.80
N PHE A 353 14.08 5.96 -5.73
CA PHE A 353 12.65 6.10 -5.81
C PHE A 353 12.14 7.08 -4.76
N TRP A 354 11.74 8.26 -5.21
CA TRP A 354 11.06 9.24 -4.40
C TRP A 354 9.55 8.92 -4.33
N THR A 355 9.10 8.53 -3.13
CA THR A 355 7.76 7.98 -2.93
C THR A 355 7.01 8.64 -1.78
N HIS A 356 5.69 8.42 -1.75
CA HIS A 356 4.87 8.58 -0.56
CA HIS A 356 4.87 8.58 -0.55
C HIS A 356 5.37 7.57 0.48
N SER A 357 5.27 7.90 1.77
CA SER A 357 5.71 7.00 2.83
C SER A 357 4.80 5.76 3.05
N GLY A 358 3.91 5.43 2.13
CA GLY A 358 3.12 4.22 2.25
C GLY A 358 3.97 2.96 2.22
N TRP A 359 3.56 1.97 3.03
CA TRP A 359 4.30 0.75 3.27
C TRP A 359 4.42 -0.15 2.04
N ASN A 360 3.33 -0.36 1.32
CA ASN A 360 3.40 -1.25 0.16
C ASN A 360 4.34 -0.69 -0.91
N SER A 361 4.27 0.62 -1.21
CA SER A 361 5.22 1.29 -2.11
C SER A 361 6.67 0.99 -1.70
N THR A 362 6.93 1.25 -0.42
CA THR A 362 8.21 1.03 0.22
C THR A 362 8.69 -0.42 0.10
N LEU A 363 7.80 -1.39 0.40
CA LEU A 363 8.13 -2.80 0.33
C LEU A 363 8.45 -3.20 -1.12
N GLU A 364 7.71 -2.65 -2.09
CA GLU A 364 7.90 -2.98 -3.50
C GLU A 364 9.31 -2.56 -3.93
N SER A 365 9.79 -1.45 -3.35
CA SER A 365 11.08 -0.86 -3.72
C SER A 365 12.22 -1.69 -3.16
N VAL A 366 12.14 -2.08 -1.87
CA VAL A 366 13.19 -2.89 -1.28
C VAL A 366 13.15 -4.28 -1.91
N CYS A 367 11.98 -4.77 -2.31
CA CYS A 367 11.89 -6.07 -2.95
C CYS A 367 12.62 -6.05 -4.31
N GLU A 368 12.92 -4.86 -4.84
CA GLU A 368 13.70 -4.73 -6.08
C GLU A 368 15.06 -4.09 -5.83
N GLY A 369 15.43 -3.79 -4.58
CA GLY A 369 16.78 -3.34 -4.29
C GLY A 369 16.99 -1.85 -4.53
N VAL A 370 15.91 -1.05 -4.54
CA VAL A 370 15.99 0.36 -4.88
C VAL A 370 15.84 1.20 -3.62
N PRO A 371 16.79 2.13 -3.35
CA PRO A 371 16.71 3.01 -2.18
C PRO A 371 15.76 4.16 -2.42
N MET A 372 15.36 4.86 -1.33
CA MET A 372 14.23 5.77 -1.42
C MET A 372 14.47 7.13 -0.79
N ILE A 373 13.64 8.07 -1.24
CA ILE A 373 13.37 9.33 -0.56
C ILE A 373 11.89 9.30 -0.18
N PHE A 374 11.60 9.70 1.07
CA PHE A 374 10.27 9.57 1.62
C PHE A 374 9.69 10.94 1.89
N SER A 375 8.45 11.14 1.38
CA SER A 375 7.60 12.27 1.71
C SER A 375 6.29 11.80 2.35
N ASP A 376 5.89 12.56 3.36
CA ASP A 376 4.61 12.42 4.04
C ASP A 376 3.50 13.21 3.33
N PHE A 377 2.32 12.63 3.34
CA PHE A 377 1.14 13.33 2.88
C PHE A 377 -0.01 13.19 3.87
N GLY A 378 -0.94 14.14 3.78
CA GLY A 378 -2.18 14.12 4.53
C GLY A 378 -1.90 14.04 6.03
N LEU A 379 -2.42 12.99 6.67
CA LEU A 379 -2.37 12.81 8.11
C LEU A 379 -1.27 11.82 8.49
N ASP A 380 -0.41 11.45 7.55
CA ASP A 380 0.63 10.45 7.80
C ASP A 380 1.51 10.90 8.95
N GLN A 381 1.86 9.95 9.84
CA GLN A 381 2.78 10.21 10.94
C GLN A 381 4.23 9.99 10.48
N PRO A 382 5.20 10.82 10.94
CA PRO A 382 6.62 10.65 10.57
C PRO A 382 7.24 9.32 10.99
N LEU A 383 6.62 8.67 11.99
CA LEU A 383 6.95 7.34 12.49
C LEU A 383 7.45 6.39 11.42
N ASN A 384 6.69 6.27 10.33
CA ASN A 384 6.87 5.19 9.36
C ASN A 384 8.10 5.45 8.47
N ALA A 385 8.30 6.68 8.01
CA ALA A 385 9.48 7.07 7.25
C ALA A 385 10.74 7.06 8.13
N ARG A 386 10.64 7.48 9.39
CA ARG A 386 11.73 7.31 10.35
C ARG A 386 12.20 5.85 10.46
N TYR A 387 11.28 4.90 10.49
CA TYR A 387 11.63 3.50 10.64
C TYR A 387 12.41 3.01 9.43
N MET A 388 11.96 3.44 8.24
CA MET A 388 12.60 3.12 6.97
C MET A 388 13.98 3.77 6.87
N SER A 389 14.04 5.05 7.24
CA SER A 389 15.27 5.84 7.17
C SER A 389 16.30 5.36 8.19
N ASP A 390 15.88 5.32 9.47
CA ASP A 390 16.79 5.29 10.59
C ASP A 390 17.02 3.89 11.14
N VAL A 391 16.11 2.93 10.84
CA VAL A 391 16.21 1.59 11.39
C VAL A 391 16.48 0.62 10.24
N LEU A 392 15.61 0.58 9.23
CA LEU A 392 15.91 -0.25 8.07
C LEU A 392 17.06 0.38 7.27
N LYS A 393 17.14 1.70 7.27
CA LYS A 393 18.21 2.45 6.64
C LYS A 393 18.24 2.24 5.12
N VAL A 394 17.06 2.32 4.48
CA VAL A 394 16.97 2.07 3.04
C VAL A 394 16.52 3.34 2.31
N GLY A 395 16.52 4.48 2.99
CA GLY A 395 16.31 5.74 2.30
C GLY A 395 16.53 6.95 3.20
N VAL A 396 16.06 8.11 2.72
CA VAL A 396 16.15 9.39 3.41
C VAL A 396 14.73 9.95 3.53
N TYR A 397 14.45 10.51 4.72
CA TYR A 397 13.16 11.16 4.98
C TYR A 397 13.30 12.67 4.86
N LEU A 398 12.39 13.31 4.11
CA LEU A 398 12.33 14.76 4.04
C LEU A 398 11.57 15.31 5.26
N GLU A 399 12.29 15.85 6.23
CA GLU A 399 11.74 16.32 7.50
C GLU A 399 11.01 17.66 7.37
N ASN A 400 11.30 18.50 6.37
CA ASN A 400 10.80 19.88 6.37
C ASN A 400 9.80 20.13 5.25
N GLY A 401 8.84 19.21 5.06
CA GLY A 401 7.86 19.35 3.99
C GLY A 401 8.55 19.36 2.62
N TRP A 402 8.31 20.43 1.86
CA TRP A 402 8.82 20.56 0.49
C TRP A 402 9.70 21.79 0.36
N GLU A 403 11.00 21.58 0.29
CA GLU A 403 11.96 22.66 0.20
C GLU A 403 13.08 22.19 -0.72
N ARG A 404 13.48 23.07 -1.66
CA ARG A 404 14.32 22.70 -2.80
C ARG A 404 15.67 22.15 -2.34
N GLY A 405 16.29 22.83 -1.37
CA GLY A 405 17.62 22.48 -0.87
C GLY A 405 17.64 21.10 -0.24
N GLU A 406 16.67 20.84 0.65
CA GLU A 406 16.54 19.54 1.29
C GLU A 406 16.27 18.46 0.23
N ILE A 407 15.40 18.79 -0.74
CA ILE A 407 15.05 17.80 -1.75
C ILE A 407 16.30 17.37 -2.51
N ALA A 408 17.00 18.38 -3.04
CA ALA A 408 18.20 18.15 -3.85
C ALA A 408 19.24 17.36 -3.07
N ASN A 409 19.46 17.74 -1.81
CA ASN A 409 20.41 17.04 -0.95
C ASN A 409 20.05 15.56 -0.81
N ALA A 410 18.75 15.28 -0.57
CA ALA A 410 18.33 13.90 -0.38
C ALA A 410 18.54 13.11 -1.66
N ILE A 411 18.25 13.71 -2.83
CA ILE A 411 18.45 13.01 -4.10
C ILE A 411 19.94 12.66 -4.27
N ARG A 412 20.80 13.67 -4.08
CA ARG A 412 22.25 13.47 -4.21
C ARG A 412 22.73 12.44 -3.21
N ARG A 413 22.19 12.44 -1.97
CA ARG A 413 22.66 11.53 -0.95
C ARG A 413 22.45 10.08 -1.39
N VAL A 414 21.26 9.81 -1.97
CA VAL A 414 20.88 8.46 -2.31
C VAL A 414 21.48 8.06 -3.65
N MET A 415 21.70 9.01 -4.57
CA MET A 415 22.08 8.62 -5.93
C MET A 415 23.56 8.92 -6.26
N VAL A 416 24.17 9.97 -5.71
CA VAL A 416 25.51 10.33 -6.15
C VAL A 416 26.52 10.09 -5.02
N ASP A 417 26.21 10.60 -3.82
CA ASP A 417 27.17 10.77 -2.75
C ASP A 417 27.77 9.42 -2.33
N GLU A 418 29.09 9.44 -2.19
CA GLU A 418 29.89 8.30 -1.75
C GLU A 418 29.32 7.75 -0.45
N GLU A 419 28.91 8.65 0.45
CA GLU A 419 28.55 8.29 1.81
C GLU A 419 27.10 7.81 1.87
N GLY A 420 26.43 7.79 0.71
CA GLY A 420 25.06 7.32 0.61
C GLY A 420 24.99 5.85 0.22
N GLU A 421 26.13 5.27 -0.19
CA GLU A 421 26.11 3.96 -0.85
C GLU A 421 25.64 2.89 0.14
N TYR A 422 25.82 3.12 1.46
CA TYR A 422 25.36 2.16 2.44
C TYR A 422 23.85 1.92 2.23
N ILE A 423 23.11 2.96 1.84
CA ILE A 423 21.66 2.92 1.69
C ILE A 423 21.28 1.96 0.57
N ARG A 424 21.91 2.14 -0.58
CA ARG A 424 21.73 1.24 -1.71
C ARG A 424 22.07 -0.20 -1.32
N GLN A 425 23.17 -0.38 -0.59
CA GLN A 425 23.61 -1.70 -0.17
C GLN A 425 22.60 -2.37 0.76
N ASN A 426 22.14 -1.63 1.77
CA ASN A 426 21.09 -2.13 2.64
C ASN A 426 19.90 -2.61 1.80
N ALA A 427 19.53 -1.80 0.80
CA ALA A 427 18.38 -2.13 -0.03
C ALA A 427 18.65 -3.42 -0.78
N ARG A 428 19.89 -3.62 -1.23
CA ARG A 428 20.21 -4.81 -2.00
C ARG A 428 20.27 -6.07 -1.11
N VAL A 429 20.59 -5.93 0.18
CA VAL A 429 20.61 -7.08 1.08
C VAL A 429 19.16 -7.56 1.28
N LEU A 430 18.27 -6.61 1.60
CA LEU A 430 16.86 -6.91 1.79
C LEU A 430 16.28 -7.65 0.59
N LYS A 431 16.64 -7.20 -0.62
CA LYS A 431 16.17 -7.85 -1.84
C LYS A 431 16.57 -9.32 -1.88
N GLN A 432 17.81 -9.61 -1.48
CA GLN A 432 18.32 -10.98 -1.47
C GLN A 432 17.52 -11.84 -0.48
N LYS A 433 17.30 -11.31 0.73
CA LYS A 433 16.53 -11.98 1.75
C LYS A 433 15.11 -12.27 1.28
N ALA A 434 14.44 -11.28 0.71
CA ALA A 434 13.12 -11.47 0.14
C ALA A 434 13.11 -12.65 -0.85
N ASP A 435 14.16 -12.71 -1.69
CA ASP A 435 14.33 -13.79 -2.68
C ASP A 435 14.39 -15.16 -2.02
N VAL A 436 15.16 -15.26 -0.93
CA VAL A 436 15.37 -16.51 -0.21
C VAL A 436 14.11 -16.94 0.54
N SER A 437 13.46 -15.99 1.22
CA SER A 437 12.17 -16.22 1.87
C SER A 437 11.13 -16.80 0.92
N LEU A 438 11.12 -16.32 -0.33
CA LEU A 438 10.16 -16.81 -1.31
C LEU A 438 10.63 -18.10 -1.95
N MET A 439 11.91 -18.45 -1.76
CA MET A 439 12.44 -19.70 -2.25
C MET A 439 11.69 -20.84 -1.58
N LYS A 440 11.32 -21.83 -2.39
CA LYS A 440 10.86 -23.11 -1.89
C LYS A 440 11.76 -23.48 -0.72
N GLY A 441 11.17 -23.69 0.47
CA GLY A 441 11.93 -23.90 1.69
C GLY A 441 12.02 -22.65 2.57
N GLY A 442 11.90 -21.44 1.99
CA GLY A 442 12.00 -20.19 2.74
C GLY A 442 10.77 -19.92 3.60
N SER A 443 10.87 -18.96 4.53
CA SER A 443 9.86 -18.69 5.54
C SER A 443 8.56 -18.15 4.94
N SER A 444 8.63 -17.33 3.89
CA SER A 444 7.44 -16.82 3.20
C SER A 444 6.77 -17.93 2.39
N TYR A 445 7.58 -18.74 1.69
CA TYR A 445 7.02 -19.85 0.92
C TYR A 445 6.22 -20.75 1.85
N GLU A 446 6.75 -21.00 3.06
CA GLU A 446 6.10 -21.95 3.96
C GLU A 446 4.86 -21.34 4.62
N SER A 447 4.96 -20.05 4.98
CA SER A 447 3.81 -19.33 5.51
C SER A 447 2.60 -19.43 4.56
N LEU A 448 2.82 -19.10 3.29
CA LEU A 448 1.80 -19.17 2.28
C LEU A 448 1.21 -20.57 2.19
N GLU A 449 2.05 -21.62 2.16
CA GLU A 449 1.57 -22.99 2.04
C GLU A 449 0.71 -23.38 3.24
N SER A 450 1.14 -22.95 4.44
CA SER A 450 0.38 -23.20 5.65
CA SER A 450 0.40 -23.15 5.68
C SER A 450 -0.97 -22.47 5.62
N LEU A 451 -0.98 -21.19 5.21
CA LEU A 451 -2.24 -20.43 5.07
C LEU A 451 -3.21 -21.14 4.13
N VAL A 452 -2.72 -21.64 2.99
CA VAL A 452 -3.61 -22.22 1.99
C VAL A 452 -4.28 -23.46 2.57
N SER A 453 -3.52 -24.24 3.36
CA SER A 453 -4.05 -25.44 3.98
C SER A 453 -5.02 -25.11 5.11
N TYR A 454 -4.64 -24.12 5.92
CA TYR A 454 -5.48 -23.66 7.01
C TYR A 454 -6.83 -23.19 6.48
N ILE A 455 -6.86 -22.43 5.37
CA ILE A 455 -8.12 -21.96 4.79
C ILE A 455 -9.06 -23.14 4.49
N SER A 456 -8.52 -24.24 3.95
CA SER A 456 -9.29 -25.46 3.71
C SER A 456 -9.82 -26.07 5.01
N SER A 457 -9.10 -25.90 6.12
CA SER A 457 -9.50 -26.53 7.38
C SER A 457 -10.60 -25.75 8.10
N LEU A 458 -10.87 -24.51 7.69
CA LEU A 458 -11.89 -23.71 8.35
C LEU A 458 -13.27 -24.36 8.15
NA NA B . 12.89 18.64 -22.84
C19 AQ9 C . -3.16 3.41 13.79
C18 AQ9 C . -3.41 4.96 11.82
C17 AQ9 C . -5.34 3.61 12.49
C1 AQ9 C . -6.36 6.97 6.08
C3 AQ9 C . -4.60 5.98 4.55
C5 AQ9 C . -6.36 7.59 3.81
C15 AQ9 C . -7.89 7.54 7.82
C14 AQ9 C . -9.86 6.07 8.28
C7 AQ9 C . -6.71 3.86 10.36
C6 AQ9 C . -7.28 8.08 2.72
C9 AQ9 C . -5.70 4.52 11.27
C10 AQ9 C . -4.30 4.61 10.61
C12 AQ9 C . -3.73 6.36 12.36
C11 AQ9 C . -1.52 5.26 10.37
O6 AQ9 C . -7.75 9.38 3.01
C4 AQ9 C . -5.49 6.42 3.40
O4 AQ9 C . -4.71 6.83 2.29
O3 AQ9 C . -3.97 4.72 4.25
O5 AQ9 C . -7.16 7.16 4.92
O1 AQ9 C . -7.19 6.60 7.17
C2 AQ9 C . -5.39 5.82 5.86
O2 AQ9 C . -4.48 5.76 6.96
O61 AQ9 C . -2.04 2.26 7.58
C61 AQ9 C . -0.76 2.88 7.70
C51 AQ9 C . -0.87 4.26 8.32
C71 AQ9 C . 0.45 5.01 8.31
O41 AQ9 C . 0.74 5.25 6.95
C31 AQ9 C . 0.34 6.32 9.10
O31 AQ9 C . 1.61 6.97 9.21
O51 AQ9 C . -1.33 4.06 9.67
C21 AQ9 C . -0.21 6.04 10.49
O21 AQ9 C . -0.39 7.25 11.21
O AQ9 C . -7.85 8.71 7.56
C42 AQ9 C . -8.74 6.92 8.94
C41 AQ9 C . -9.42 8.03 9.75
C43 AQ9 C . -7.88 6.05 9.89
C33 AQ9 C . -7.27 4.78 9.29
C46 AQ9 C . -3.89 3.92 12.82
C39 AQ9 C . -5.21 6.52 12.76
C8 AQ9 C . -6.22 5.87 11.78
C44 AQ9 C . -6.83 6.84 10.71
C16 AQ9 C . -5.74 7.50 9.84
C45 AQ9 C . -7.60 7.94 11.47
C40 AQ9 C . -8.46 8.84 10.60
O19 AQ9 C . -2.01 4.91 11.63
S SCN D . -8.56 -16.83 21.72
C SCN D . -9.53 -15.59 21.88
N SCN D . -10.16 -14.65 21.90
C1 EOH E . -13.58 3.62 11.64
C2 EOH E . -12.68 4.03 10.56
O EOH E . -14.50 4.57 12.20
C1 IPA F . -10.17 -21.93 -10.11
C2 IPA F . -8.89 -21.18 -10.47
C3 IPA F . -7.89 -21.85 -11.37
O2 IPA F . -8.18 -20.80 -9.29
C1 EDO G . -10.06 -25.54 -4.73
O1 EDO G . -10.94 -24.50 -5.13
C2 EDO G . -9.51 -25.37 -3.35
O2 EDO G . -8.13 -25.06 -3.29
S SCN H . -2.68 14.37 0.02
C SCN H . -3.08 13.08 0.84
N SCN H . -3.41 12.14 1.43
C1 EOH I . -16.99 -23.84 5.74
C2 EOH I . -15.94 -22.89 5.34
O EOH I . -16.46 -25.12 6.14
#